data_2A6I
#
_entry.id   2A6I
#
_cell.length_a   54.182
_cell.length_b   76.971
_cell.length_c   59.122
_cell.angle_alpha   90.00
_cell.angle_beta   101.97
_cell.angle_gamma   90.00
#
_symmetry.space_group_name_H-M   'P 1 21 1'
#
loop_
_entity.id
_entity.type
_entity.pdbx_description
1 polymer 'Germline antibody 36-65 Fab light chain'
2 polymer 'Germline antibody 36-65 Fab heavy chain'
3 polymer 'Dodecapeptide: KLASIPTHTSPL'
4 water water
#
loop_
_entity_poly.entity_id
_entity_poly.type
_entity_poly.pdbx_seq_one_letter_code
_entity_poly.pdbx_strand_id
1 'polypeptide(L)'
;DIQMTQTTSSLSASLGDRVTISCRASQDISNYLNWYQQKPDGTVKLLIYYTSRLHSGVPSRFSGSGSGTDYSLTISNLEQ
EDIATYFCQQGNTLPRTFGGGTKLEIKRADAAPTVSIFPPSSEQLTSGGASVVCFLNNFYPKDINVKWKIDGSERQNGVL
NSWTDQDSKDSTYSMSSTLTLTKDEYERHNSYTCEATHKTSTSPIVKSFNRNEC
;
A
2 'polypeptide(L)'
;EVQLQQSGAELVRAGSSVKMSCKASGYTFTSYGINWVKQRPGQGLEWIGYINPGNGYTKYNEKFKGKTTLTVDKSSSTAY
MQLRSLTSEDSAVYFCARSVYYGGSYYFDYWGQGTTLTVSSAKTTPPSVYPLAPGSAAQTNSMVTLGCLVKGYFPEPVTV
TWNSGSLSSGVHTFPAVLQSDLYTLSSSVTVPSSPRPSETVTCNVAHPASSTKVDKKIVPRD
;
B
3 'polypeptide(L)' KLASIPTHTSPL P
#
# COMPACT_ATOMS: atom_id res chain seq x y z
N ASP A 1 -16.82 -17.02 11.80
CA ASP A 1 -15.55 -17.76 12.02
C ASP A 1 -14.79 -17.15 13.20
N ILE A 2 -13.52 -17.53 13.34
CA ILE A 2 -12.69 -17.00 14.41
C ILE A 2 -12.06 -15.70 13.96
N GLN A 3 -12.34 -14.61 14.66
CA GLN A 3 -11.76 -13.33 14.29
C GLN A 3 -10.43 -13.11 15.02
N MET A 4 -9.41 -12.73 14.26
CA MET A 4 -8.12 -12.46 14.86
C MET A 4 -7.95 -10.96 14.89
N THR A 5 -7.69 -10.44 16.09
CA THR A 5 -7.51 -9.01 16.27
C THR A 5 -6.09 -8.67 16.71
N GLN A 6 -5.53 -7.63 16.09
CA GLN A 6 -4.22 -7.15 16.45
C GLN A 6 -4.40 -5.71 16.91
N THR A 7 -4.44 -5.51 18.22
CA THR A 7 -4.62 -4.15 18.72
C THR A 7 -3.32 -3.41 18.43
N THR A 8 -3.41 -2.39 17.59
CA THR A 8 -2.28 -1.54 17.16
C THR A 8 -1.89 -1.79 15.70
N SER A 9 -2.43 -0.96 14.81
CA SER A 9 -2.15 -1.04 13.38
C SER A 9 -0.73 -0.60 13.04
N SER A 10 -0.21 0.34 13.82
CA SER A 10 1.15 0.84 13.62
C SER A 10 1.77 0.92 15.01
N LEU A 11 3.04 0.50 15.11
CA LEU A 11 3.78 0.49 16.38
C LEU A 11 5.14 1.16 16.24
N SER A 12 5.47 2.02 17.18
CA SER A 12 6.75 2.75 17.13
C SER A 12 7.79 2.07 18.01
N ALA A 13 9.03 2.03 17.53
CA ALA A 13 10.15 1.45 18.27
C ALA A 13 11.48 1.96 17.74
N SER A 14 12.53 1.85 18.55
CA SER A 14 13.88 2.30 18.14
C SER A 14 14.70 1.06 17.86
N LEU A 15 15.68 1.16 16.97
CA LEU A 15 16.51 0.00 16.70
C LEU A 15 17.13 -0.37 18.04
N GLY A 16 17.16 -1.67 18.33
CA GLY A 16 17.71 -2.12 19.59
C GLY A 16 16.66 -2.35 20.66
N ASP A 17 15.42 -1.91 20.41
CA ASP A 17 14.34 -2.11 21.39
C ASP A 17 13.82 -3.55 21.39
N ARG A 18 13.06 -3.90 22.42
CA ARG A 18 12.43 -5.22 22.54
C ARG A 18 11.00 -4.93 22.15
N VAL A 19 10.65 -5.28 20.91
CA VAL A 19 9.31 -5.03 20.41
C VAL A 19 8.39 -6.21 20.64
N THR A 20 7.15 -5.92 21.01
CA THR A 20 6.16 -6.96 21.25
C THR A 20 4.88 -6.63 20.51
N ILE A 21 4.54 -7.48 19.56
CA ILE A 21 3.33 -7.35 18.76
C ILE A 21 2.30 -8.35 19.28
N SER A 22 1.08 -7.88 19.58
CA SER A 22 0.03 -8.74 20.09
C SER A 22 -0.97 -9.20 19.05
N CYS A 23 -1.89 -10.05 19.48
CA CYS A 23 -2.90 -10.61 18.60
C CYS A 23 -3.83 -11.46 19.46
N ARG A 24 -5.13 -11.22 19.33
CA ARG A 24 -6.14 -11.93 20.15
C ARG A 24 -7.22 -12.65 19.33
N ALA A 25 -7.39 -13.95 19.58
CA ALA A 25 -8.40 -14.74 18.88
C ALA A 25 -9.77 -14.59 19.51
N SER A 26 -10.82 -14.79 18.71
CA SER A 26 -12.19 -14.68 19.18
C SER A 26 -12.53 -15.84 20.10
N GLN A 27 -11.74 -16.91 19.99
CA GLN A 27 -11.93 -18.09 20.82
C GLN A 27 -10.64 -18.89 20.93
N ASP A 28 -10.62 -19.84 21.86
CA ASP A 28 -9.47 -20.72 22.10
C ASP A 28 -8.96 -21.31 20.79
N ILE A 29 -7.71 -21.04 20.43
CA ILE A 29 -7.14 -21.58 19.19
C ILE A 29 -6.28 -22.80 19.46
N SER A 30 -6.18 -23.16 20.72
CA SER A 30 -5.40 -24.32 21.11
C SER A 30 -3.98 -24.26 20.56
N ASN A 31 -3.35 -23.10 20.66
CA ASN A 31 -1.98 -22.96 20.21
C ASN A 31 -1.69 -23.07 18.71
N TYR A 32 -2.72 -23.07 17.87
CA TYR A 32 -2.47 -23.15 16.43
C TYR A 32 -2.30 -21.74 15.84
N LEU A 33 -1.19 -21.09 16.17
CA LEU A 33 -0.91 -19.73 15.71
C LEU A 33 0.39 -19.52 14.97
N ASN A 34 0.31 -18.79 13.85
CA ASN A 34 1.47 -18.50 13.03
C ASN A 34 1.73 -16.99 12.84
N TRP A 35 3.00 -16.64 12.62
CA TRP A 35 3.41 -15.26 12.42
C TRP A 35 4.10 -15.10 11.09
N TYR A 36 3.66 -14.13 10.30
CA TYR A 36 4.27 -13.85 9.02
C TYR A 36 4.76 -12.42 8.98
N GLN A 37 5.87 -12.21 8.28
CA GLN A 37 6.47 -10.90 8.16
C GLN A 37 6.46 -10.45 6.70
N GLN A 38 5.81 -9.33 6.42
CA GLN A 38 5.76 -8.83 5.05
C GLN A 38 6.56 -7.55 4.96
N LYS A 39 7.40 -7.47 3.93
CA LYS A 39 8.23 -6.30 3.69
C LYS A 39 7.51 -5.33 2.74
N PRO A 40 7.91 -4.06 2.74
CA PRO A 40 7.30 -3.07 1.87
C PRO A 40 7.25 -3.52 0.41
N ASP A 41 8.31 -4.20 -0.02
CA ASP A 41 8.39 -4.67 -1.40
C ASP A 41 7.28 -5.69 -1.65
N GLY A 42 6.44 -5.89 -0.65
CA GLY A 42 5.33 -6.83 -0.78
C GLY A 42 5.60 -8.28 -0.42
N THR A 43 6.85 -8.72 -0.40
CA THR A 43 7.14 -10.11 -0.09
C THR A 43 6.78 -10.54 1.33
N VAL A 44 6.32 -11.79 1.46
CA VAL A 44 5.94 -12.34 2.76
C VAL A 44 6.85 -13.47 3.19
N LYS A 45 7.04 -13.60 4.50
CA LYS A 45 7.91 -14.64 5.05
C LYS A 45 7.35 -15.21 6.35
N LEU A 46 7.61 -16.49 6.57
CA LEU A 46 7.16 -17.17 7.78
C LEU A 46 8.26 -16.99 8.80
N LEU A 47 7.89 -16.74 10.05
CA LEU A 47 8.88 -16.55 11.11
C LEU A 47 8.70 -17.62 12.15
N ILE A 48 7.45 -17.74 12.60
CA ILE A 48 7.08 -18.67 13.65
C ILE A 48 5.74 -19.36 13.40
N TYR A 49 5.62 -20.60 13.88
CA TYR A 49 4.39 -21.34 13.71
C TYR A 49 4.08 -22.15 14.96
N TYR A 50 2.84 -22.60 15.03
CA TYR A 50 2.33 -23.39 16.15
C TYR A 50 2.45 -22.62 17.46
N THR A 51 1.34 -21.98 17.84
CA THR A 51 1.25 -21.17 19.07
C THR A 51 2.50 -20.37 19.26
N SER A 52 3.07 -19.91 18.16
CA SER A 52 4.30 -19.14 18.23
C SER A 52 5.30 -20.20 18.71
N ARG A 53 6.46 -19.78 19.19
CA ARG A 53 7.49 -20.72 19.67
C ARG A 53 8.38 -21.36 18.58
N LEU A 54 7.79 -22.05 17.59
CA LEU A 54 8.63 -22.70 16.59
C LEU A 54 9.18 -21.78 15.51
N HIS A 55 10.49 -21.91 15.28
CA HIS A 55 11.26 -21.17 14.28
C HIS A 55 11.14 -21.78 12.87
N SER A 56 11.99 -21.33 11.95
CA SER A 56 12.00 -21.84 10.57
C SER A 56 13.40 -21.76 9.94
N GLY A 57 14.11 -20.68 10.24
CA GLY A 57 15.44 -20.44 9.71
C GLY A 57 15.64 -18.94 9.87
N VAL A 58 14.84 -18.39 10.78
CA VAL A 58 14.80 -16.97 11.11
C VAL A 58 15.60 -16.70 12.39
N PRO A 59 16.25 -15.53 12.48
CA PRO A 59 17.05 -15.11 13.64
C PRO A 59 16.38 -15.41 14.99
N SER A 60 17.17 -15.87 15.95
CA SER A 60 16.68 -16.22 17.29
C SER A 60 16.08 -15.05 18.04
N ARG A 61 16.31 -13.83 17.57
CA ARG A 61 15.77 -12.66 18.24
C ARG A 61 14.26 -12.59 18.06
N PHE A 62 13.74 -13.48 17.21
CA PHE A 62 12.30 -13.56 16.99
C PHE A 62 11.85 -14.66 17.93
N SER A 63 10.88 -14.33 18.76
CA SER A 63 10.37 -15.26 19.73
C SER A 63 8.85 -15.16 19.77
N GLY A 64 8.19 -16.28 20.05
CA GLY A 64 6.75 -16.24 20.10
C GLY A 64 6.17 -17.03 21.24
N SER A 65 5.02 -16.59 21.73
CA SER A 65 4.36 -17.30 22.80
C SER A 65 2.89 -16.89 22.85
N GLY A 66 2.16 -17.48 23.80
CA GLY A 66 0.76 -17.18 23.97
C GLY A 66 0.02 -18.47 24.28
N SER A 67 -1.28 -18.36 24.59
CA SER A 67 -2.08 -19.53 24.89
C SER A 67 -3.57 -19.17 24.82
N GLY A 68 -4.41 -20.19 24.69
CA GLY A 68 -5.84 -19.94 24.63
C GLY A 68 -6.26 -18.93 23.57
N THR A 69 -6.42 -17.67 23.97
CA THR A 69 -6.84 -16.61 23.05
C THR A 69 -5.78 -15.55 22.75
N ASP A 70 -4.88 -15.31 23.69
CA ASP A 70 -3.88 -14.28 23.47
C ASP A 70 -2.49 -14.79 23.17
N TYR A 71 -1.88 -14.20 22.15
CA TYR A 71 -0.55 -14.59 21.72
C TYR A 71 0.28 -13.36 21.41
N SER A 72 1.57 -13.53 21.20
CA SER A 72 2.40 -12.40 20.88
C SER A 72 3.77 -12.74 20.30
N LEU A 73 4.25 -11.82 19.48
CA LEU A 73 5.54 -11.91 18.83
C LEU A 73 6.40 -10.92 19.59
N THR A 74 7.68 -11.25 19.72
CA THR A 74 8.60 -10.38 20.44
C THR A 74 9.91 -10.38 19.65
N ILE A 75 10.44 -9.19 19.41
CA ILE A 75 11.69 -9.08 18.68
C ILE A 75 12.59 -8.41 19.69
N SER A 76 13.21 -9.26 20.52
CA SER A 76 14.08 -8.85 21.62
C SER A 76 15.04 -7.66 21.37
N ASN A 77 15.48 -7.49 20.14
CA ASN A 77 16.39 -6.41 19.76
C ASN A 77 16.04 -6.14 18.32
N LEU A 78 15.32 -5.05 18.06
CA LEU A 78 14.89 -4.74 16.70
C LEU A 78 15.95 -4.15 15.76
N GLU A 79 16.05 -4.77 14.59
CA GLU A 79 17.00 -4.36 13.55
C GLU A 79 16.33 -3.69 12.35
N GLN A 80 17.13 -2.95 11.59
CA GLN A 80 16.63 -2.23 10.42
C GLN A 80 15.77 -3.12 9.52
N GLU A 81 16.32 -4.25 9.12
CA GLU A 81 15.59 -5.15 8.24
C GLU A 81 14.34 -5.73 8.91
N ASP A 82 14.20 -5.51 10.22
CA ASP A 82 13.03 -6.02 10.92
C ASP A 82 11.85 -5.08 10.76
N ILE A 83 12.10 -3.89 10.24
CA ILE A 83 11.02 -2.91 10.03
C ILE A 83 10.11 -3.43 8.92
N ALA A 84 8.94 -3.92 9.31
CA ALA A 84 7.99 -4.48 8.35
C ALA A 84 6.62 -4.65 9.00
N THR A 85 5.73 -5.36 8.30
CA THR A 85 4.38 -5.60 8.81
C THR A 85 4.27 -7.05 9.25
N TYR A 86 3.76 -7.26 10.46
CA TYR A 86 3.59 -8.60 11.00
C TYR A 86 2.11 -8.98 11.14
N PHE A 87 1.76 -10.17 10.66
CA PHE A 87 0.38 -10.65 10.74
C PHE A 87 0.35 -11.97 11.50
N CYS A 88 -0.67 -12.19 12.33
CA CYS A 88 -0.81 -13.47 13.01
C CYS A 88 -1.85 -14.22 12.18
N GLN A 89 -2.02 -15.51 12.45
CA GLN A 89 -2.98 -16.32 11.69
C GLN A 89 -3.28 -17.62 12.41
N GLN A 90 -4.57 -17.89 12.61
CA GLN A 90 -4.98 -19.10 13.31
C GLN A 90 -5.21 -20.24 12.33
N GLY A 91 -4.71 -21.43 12.69
CA GLY A 91 -4.86 -22.60 11.84
C GLY A 91 -5.64 -23.68 12.56
N ASN A 92 -6.45 -23.27 13.54
CA ASN A 92 -7.27 -24.21 14.31
C ASN A 92 -8.58 -24.52 13.62
N THR A 93 -9.26 -23.49 13.14
CA THR A 93 -10.54 -23.67 12.48
C THR A 93 -10.52 -23.23 11.01
N LEU A 94 -11.56 -23.61 10.29
CA LEU A 94 -11.72 -23.21 8.89
C LEU A 94 -12.87 -22.23 8.92
N PRO A 95 -12.77 -21.14 8.15
CA PRO A 95 -11.68 -20.73 7.24
C PRO A 95 -10.54 -20.07 7.99
N ARG A 96 -9.30 -20.31 7.56
CA ARG A 96 -8.15 -19.72 8.22
C ARG A 96 -8.28 -18.19 8.18
N THR A 97 -7.92 -17.54 9.29
CA THR A 97 -8.00 -16.10 9.36
C THR A 97 -6.74 -15.45 9.88
N PHE A 98 -6.51 -14.21 9.42
CA PHE A 98 -5.35 -13.41 9.77
C PHE A 98 -5.81 -12.24 10.60
N GLY A 99 -4.86 -11.64 11.32
CA GLY A 99 -5.17 -10.46 12.09
C GLY A 99 -4.89 -9.31 11.14
N GLY A 100 -5.42 -8.14 11.45
CA GLY A 100 -5.21 -6.98 10.58
C GLY A 100 -3.76 -6.62 10.27
N GLY A 101 -2.83 -7.03 11.13
CA GLY A 101 -1.43 -6.72 10.88
C GLY A 101 -0.93 -5.51 11.65
N THR A 102 0.35 -5.51 12.00
CA THR A 102 0.95 -4.41 12.73
C THR A 102 2.22 -3.93 12.03
N LYS A 103 2.21 -2.69 11.57
CA LYS A 103 3.38 -2.14 10.90
C LYS A 103 4.23 -1.27 11.82
N LEU A 104 5.50 -1.64 11.92
CA LEU A 104 6.45 -0.91 12.74
C LEU A 104 6.98 0.28 11.95
N GLU A 105 7.45 1.28 12.68
CA GLU A 105 8.04 2.48 12.10
C GLU A 105 9.11 2.95 13.08
N ILE A 106 9.98 3.86 12.66
CA ILE A 106 11.04 4.33 13.54
C ILE A 106 10.65 5.53 14.37
N LYS A 107 11.06 5.50 15.63
CA LYS A 107 10.77 6.60 16.57
C LYS A 107 11.57 7.84 16.18
N ARG A 108 10.89 8.96 16.03
CA ARG A 108 11.56 10.20 15.67
C ARG A 108 10.99 11.29 16.59
N ALA A 109 11.58 12.48 16.56
CA ALA A 109 11.08 13.56 17.40
C ALA A 109 9.97 14.27 16.62
N ASP A 110 8.98 14.79 17.31
CA ASP A 110 7.87 15.49 16.63
C ASP A 110 8.37 16.58 15.70
N ALA A 111 7.78 16.63 14.52
CA ALA A 111 8.11 17.63 13.51
C ALA A 111 6.80 18.04 12.82
N ALA A 112 6.47 19.32 12.92
CA ALA A 112 5.26 19.85 12.31
C ALA A 112 5.44 19.85 10.79
N PRO A 113 4.35 19.61 10.06
CA PRO A 113 4.42 19.59 8.59
C PRO A 113 4.61 20.97 7.99
N THR A 114 5.26 21.00 6.82
CA THR A 114 5.43 22.25 6.12
C THR A 114 4.27 22.13 5.15
N VAL A 115 3.47 23.20 5.02
CA VAL A 115 2.29 23.14 4.15
C VAL A 115 2.30 24.06 2.94
N SER A 116 1.86 23.53 1.81
CA SER A 116 1.82 24.33 0.59
C SER A 116 0.53 24.07 -0.18
N ILE A 117 -0.12 25.13 -0.64
CA ILE A 117 -1.35 24.96 -1.40
C ILE A 117 -1.09 25.48 -2.82
N PHE A 118 -1.79 24.94 -3.80
CA PHE A 118 -1.61 25.36 -5.19
C PHE A 118 -2.93 25.42 -5.98
N PRO A 119 -3.21 26.57 -6.62
CA PRO A 119 -4.42 26.77 -7.42
C PRO A 119 -4.33 25.87 -8.65
N PRO A 120 -5.41 25.75 -9.43
CA PRO A 120 -5.36 24.92 -10.63
C PRO A 120 -4.38 25.53 -11.65
N SER A 121 -3.76 24.68 -12.48
CA SER A 121 -2.81 25.17 -13.48
C SER A 121 -3.54 25.65 -14.73
N SER A 122 -3.03 26.72 -15.35
CA SER A 122 -3.64 27.22 -16.58
C SER A 122 -3.85 26.04 -17.54
N GLU A 123 -2.79 25.27 -17.77
CA GLU A 123 -2.87 24.12 -18.64
C GLU A 123 -4.12 23.30 -18.35
N GLN A 124 -4.28 22.85 -17.11
CA GLN A 124 -5.46 22.05 -16.75
C GLN A 124 -6.80 22.72 -16.95
N LEU A 125 -6.91 23.98 -16.53
CA LEU A 125 -8.17 24.70 -16.67
C LEU A 125 -8.69 24.70 -18.09
N THR A 126 -7.78 24.85 -19.05
CA THR A 126 -8.15 24.88 -20.46
C THR A 126 -8.76 23.55 -20.90
N SER A 127 -8.59 22.54 -20.05
CA SER A 127 -9.13 21.22 -20.33
C SER A 127 -10.45 21.13 -19.61
N GLY A 128 -10.88 22.25 -19.02
CA GLY A 128 -12.14 22.29 -18.31
C GLY A 128 -12.14 21.63 -16.94
N GLY A 129 -10.98 21.22 -16.46
CA GLY A 129 -10.93 20.59 -15.15
C GLY A 129 -10.20 21.47 -14.17
N ALA A 130 -10.32 21.19 -12.88
CA ALA A 130 -9.62 22.01 -11.88
C ALA A 130 -9.31 21.23 -10.60
N SER A 131 -8.02 21.12 -10.28
CA SER A 131 -7.57 20.40 -9.09
C SER A 131 -6.69 21.30 -8.25
N VAL A 132 -7.05 21.47 -6.99
CA VAL A 132 -6.25 22.29 -6.10
C VAL A 132 -5.42 21.28 -5.33
N VAL A 133 -4.12 21.54 -5.22
CA VAL A 133 -3.21 20.63 -4.55
C VAL A 133 -2.61 21.19 -3.26
N CYS A 134 -2.37 20.31 -2.30
CA CYS A 134 -1.80 20.71 -1.02
C CYS A 134 -0.89 19.61 -0.48
N PHE A 135 0.38 19.95 -0.26
CA PHE A 135 1.35 19.01 0.30
C PHE A 135 1.55 19.38 1.76
N LEU A 136 1.77 18.35 2.57
CA LEU A 136 2.07 18.53 3.98
C LEU A 136 3.29 17.64 4.09
N ASN A 137 4.46 18.27 4.06
CA ASN A 137 5.70 17.54 4.08
C ASN A 137 6.54 17.47 5.34
N ASN A 138 7.23 16.33 5.44
CA ASN A 138 8.14 16.00 6.52
C ASN A 138 7.62 16.22 7.91
N PHE A 139 6.56 15.49 8.26
CA PHE A 139 5.98 15.59 9.58
C PHE A 139 6.08 14.28 10.36
N TYR A 140 5.99 14.38 11.68
CA TYR A 140 6.03 13.21 12.53
C TYR A 140 5.38 13.56 13.86
N PRO A 141 4.54 12.67 14.40
CA PRO A 141 4.17 11.35 13.87
C PRO A 141 3.30 11.38 12.61
N LYS A 142 3.01 10.20 12.08
CA LYS A 142 2.25 10.07 10.85
C LYS A 142 0.77 10.37 10.89
N ASP A 143 0.20 10.54 12.08
CA ASP A 143 -1.22 10.85 12.14
C ASP A 143 -1.45 12.33 11.89
N ILE A 144 -2.36 12.62 10.95
CA ILE A 144 -2.65 13.99 10.60
C ILE A 144 -4.02 14.04 9.91
N ASN A 145 -4.72 15.15 10.06
CA ASN A 145 -6.02 15.32 9.43
C ASN A 145 -5.98 16.58 8.58
N VAL A 146 -6.34 16.47 7.31
CA VAL A 146 -6.37 17.63 6.43
C VAL A 146 -7.83 17.99 6.15
N LYS A 147 -8.12 19.27 6.08
CA LYS A 147 -9.47 19.73 5.83
C LYS A 147 -9.44 20.75 4.70
N TRP A 148 -10.41 20.69 3.80
CA TRP A 148 -10.50 21.65 2.69
C TRP A 148 -11.75 22.49 2.88
N LYS A 149 -11.66 23.80 2.69
CA LYS A 149 -12.83 24.64 2.81
C LYS A 149 -12.96 25.44 1.54
N ILE A 150 -14.18 25.59 1.06
CA ILE A 150 -14.40 26.38 -0.14
C ILE A 150 -15.24 27.57 0.27
N ASP A 151 -14.76 28.76 0.00
CA ASP A 151 -15.48 29.96 0.38
C ASP A 151 -15.83 29.89 1.86
N GLY A 152 -14.93 29.26 2.62
CA GLY A 152 -15.12 29.19 4.06
C GLY A 152 -15.84 28.02 4.69
N SER A 153 -16.13 26.97 3.94
CA SER A 153 -16.80 25.87 4.58
C SER A 153 -16.56 24.52 3.94
N GLU A 154 -16.97 23.50 4.69
CA GLU A 154 -16.91 22.09 4.30
C GLU A 154 -16.05 21.68 3.12
N ARG A 155 -16.62 20.80 2.32
CA ARG A 155 -16.04 20.20 1.13
C ARG A 155 -15.23 18.94 1.38
N GLN A 156 -15.78 17.82 0.93
CA GLN A 156 -15.13 16.54 1.08
C GLN A 156 -15.16 15.71 -0.20
N ASN A 157 -16.00 16.09 -1.16
CA ASN A 157 -16.09 15.39 -2.44
C ASN A 157 -14.95 15.80 -3.32
N GLY A 158 -14.35 14.83 -4.00
CA GLY A 158 -13.23 15.11 -4.87
C GLY A 158 -11.91 14.95 -4.14
N VAL A 159 -11.91 15.26 -2.86
CA VAL A 159 -10.69 15.16 -2.08
C VAL A 159 -10.15 13.74 -2.01
N LEU A 160 -9.02 13.53 -2.69
CA LEU A 160 -8.34 12.24 -2.69
C LEU A 160 -6.96 12.49 -2.04
N ASN A 161 -6.61 11.68 -1.05
CA ASN A 161 -5.35 11.83 -0.31
C ASN A 161 -4.35 10.74 -0.59
N SER A 162 -3.06 11.07 -0.41
CA SER A 162 -1.98 10.12 -0.56
C SER A 162 -0.92 10.33 0.50
N TRP A 163 -0.42 9.21 1.02
CA TRP A 163 0.59 9.25 2.05
C TRP A 163 1.81 8.44 1.66
N THR A 164 2.99 8.97 1.95
CA THR A 164 4.24 8.25 1.67
C THR A 164 4.51 7.36 2.88
N ASP A 165 5.49 6.47 2.76
CA ASP A 165 5.84 5.63 3.89
C ASP A 165 6.89 6.43 4.61
N GLN A 166 7.25 6.01 5.81
CA GLN A 166 8.26 6.71 6.58
C GLN A 166 9.51 6.86 5.68
N ASP A 167 10.21 7.99 5.80
CA ASP A 167 11.39 8.22 4.99
C ASP A 167 12.61 7.42 5.48
N SER A 168 13.57 7.17 4.61
CA SER A 168 14.75 6.40 4.99
C SER A 168 15.93 7.22 5.58
N LYS A 169 16.06 8.49 5.20
CA LYS A 169 17.14 9.35 5.71
C LYS A 169 16.71 9.97 7.02
N ASP A 170 15.52 10.58 7.03
CA ASP A 170 14.97 11.17 8.24
C ASP A 170 13.80 10.25 8.48
N SER A 171 13.13 10.32 9.61
CA SER A 171 12.02 9.38 9.76
C SER A 171 10.66 10.06 9.69
N THR A 172 10.55 11.06 8.80
CA THR A 172 9.31 11.81 8.67
C THR A 172 8.38 11.24 7.63
N TYR A 173 7.14 11.74 7.64
CA TYR A 173 6.11 11.32 6.69
C TYR A 173 5.67 12.52 5.91
N SER A 174 5.08 12.27 4.74
CA SER A 174 4.58 13.34 3.88
C SER A 174 3.25 12.91 3.29
N MET A 175 2.38 13.90 3.06
CA MET A 175 1.05 13.63 2.52
C MET A 175 0.64 14.67 1.48
N SER A 176 -0.15 14.22 0.52
CA SER A 176 -0.65 15.07 -0.53
C SER A 176 -2.17 14.96 -0.56
N SER A 177 -2.85 16.09 -0.71
CA SER A 177 -4.31 16.11 -0.75
C SER A 177 -4.73 16.88 -2.00
N THR A 178 -5.69 16.33 -2.75
CA THR A 178 -6.13 17.02 -3.95
C THR A 178 -7.63 17.12 -4.09
N LEU A 179 -8.10 18.35 -4.26
CA LEU A 179 -9.52 18.62 -4.44
C LEU A 179 -9.74 18.83 -5.93
N THR A 180 -10.66 18.09 -6.52
CA THR A 180 -10.92 18.24 -7.95
C THR A 180 -12.36 18.66 -8.19
N LEU A 181 -12.53 19.63 -9.09
CA LEU A 181 -13.84 20.16 -9.45
C LEU A 181 -13.82 20.47 -10.93
N THR A 182 -14.92 21.00 -11.43
CA THR A 182 -14.98 21.38 -12.84
C THR A 182 -14.48 22.80 -12.91
N LYS A 183 -14.09 23.23 -14.11
CA LYS A 183 -13.64 24.60 -14.28
C LYS A 183 -14.73 25.52 -13.72
N ASP A 184 -15.98 25.23 -14.08
CA ASP A 184 -17.12 26.02 -13.64
C ASP A 184 -17.34 26.13 -12.13
N GLU A 185 -17.41 25.00 -11.44
CA GLU A 185 -17.62 25.07 -10.01
C GLU A 185 -16.49 25.89 -9.42
N TYR A 186 -15.28 25.61 -9.87
CA TYR A 186 -14.10 26.30 -9.38
C TYR A 186 -14.25 27.80 -9.59
N GLU A 187 -14.73 28.20 -10.77
CA GLU A 187 -14.85 29.62 -11.04
C GLU A 187 -16.07 30.27 -10.41
N ARG A 188 -16.89 29.49 -9.71
CA ARG A 188 -18.04 30.06 -9.04
C ARG A 188 -17.68 30.44 -7.61
N HIS A 189 -16.46 30.12 -7.19
CA HIS A 189 -16.06 30.45 -5.84
C HIS A 189 -14.74 31.19 -5.74
N ASN A 190 -14.46 31.74 -4.56
CA ASN A 190 -13.27 32.53 -4.35
C ASN A 190 -12.14 31.95 -3.49
N SER A 191 -12.38 31.77 -2.20
CA SER A 191 -11.34 31.26 -1.31
C SER A 191 -11.25 29.75 -1.17
N TYR A 192 -10.03 29.24 -1.31
CA TYR A 192 -9.75 27.82 -1.17
C TYR A 192 -8.77 27.60 -0.03
N THR A 193 -9.15 26.76 0.91
CA THR A 193 -8.37 26.49 2.09
C THR A 193 -7.93 25.04 2.31
N CYS A 194 -6.73 24.92 2.88
CA CYS A 194 -6.14 23.64 3.23
C CYS A 194 -5.73 23.84 4.69
N GLU A 195 -6.35 23.07 5.58
CA GLU A 195 -6.02 23.17 6.99
C GLU A 195 -5.45 21.84 7.42
N ALA A 196 -4.30 21.87 8.10
CA ALA A 196 -3.66 20.64 8.55
C ALA A 196 -3.63 20.64 10.06
N THR A 197 -4.22 19.62 10.69
CA THR A 197 -4.18 19.57 12.14
C THR A 197 -3.31 18.38 12.55
N HIS A 198 -2.27 18.71 13.29
CA HIS A 198 -1.29 17.76 13.74
C HIS A 198 -1.10 18.02 15.23
N LYS A 199 -0.86 16.96 16.00
CA LYS A 199 -0.67 17.09 17.45
C LYS A 199 0.47 18.05 17.72
N THR A 200 1.24 18.31 16.68
CA THR A 200 2.35 19.23 16.72
C THR A 200 1.92 20.60 17.26
N SER A 201 0.61 20.86 17.23
CA SER A 201 0.03 22.10 17.74
C SER A 201 -1.49 21.97 17.83
N THR A 202 -2.11 22.78 18.68
CA THR A 202 -3.57 22.74 18.84
C THR A 202 -4.23 23.41 17.64
N SER A 203 -3.76 24.61 17.33
CA SER A 203 -4.27 25.40 16.22
C SER A 203 -3.82 24.78 14.89
N PRO A 204 -4.74 24.71 13.92
CA PRO A 204 -4.38 24.12 12.64
C PRO A 204 -3.41 25.04 11.88
N ILE A 205 -2.71 24.45 10.92
CA ILE A 205 -1.79 25.18 10.05
C ILE A 205 -2.66 25.46 8.82
N VAL A 206 -2.88 26.74 8.53
CA VAL A 206 -3.73 27.07 7.40
C VAL A 206 -3.05 27.76 6.22
N LYS A 207 -3.38 27.26 5.02
CA LYS A 207 -2.87 27.80 3.78
C LYS A 207 -4.05 27.93 2.84
N SER A 208 -4.11 29.05 2.14
CA SER A 208 -5.18 29.30 1.19
C SER A 208 -4.88 30.44 0.25
N PHE A 209 -5.78 30.64 -0.68
CA PHE A 209 -5.65 31.71 -1.64
C PHE A 209 -7.06 32.11 -2.06
N ASN A 210 -7.16 33.26 -2.73
CA ASN A 210 -8.45 33.76 -3.19
C ASN A 210 -8.31 33.96 -4.69
N ARG A 211 -9.28 33.46 -5.45
CA ARG A 211 -9.21 33.62 -6.89
C ARG A 211 -9.16 35.07 -7.31
N ASN A 212 -9.81 35.96 -6.56
CA ASN A 212 -9.80 37.37 -6.94
C ASN A 212 -8.44 38.06 -6.74
N GLU A 213 -7.64 37.60 -5.77
CA GLU A 213 -6.33 38.22 -5.57
C GLU A 213 -5.30 37.66 -6.57
N CYS A 214 -5.80 36.89 -7.53
CA CYS A 214 -4.98 36.35 -8.61
C CYS A 214 -5.32 37.31 -9.72
N GLU B 1 16.06 -25.21 -3.43
CA GLU B 1 15.35 -24.12 -2.69
C GLU B 1 13.89 -24.07 -3.14
N VAL B 2 12.98 -24.22 -2.20
CA VAL B 2 11.55 -24.16 -2.52
C VAL B 2 11.27 -22.78 -3.09
N GLN B 3 10.53 -22.72 -4.20
CA GLN B 3 10.18 -21.45 -4.84
C GLN B 3 8.79 -21.50 -5.48
N LEU B 4 8.13 -20.35 -5.54
CA LEU B 4 6.79 -20.26 -6.14
C LEU B 4 6.65 -18.98 -6.98
N GLN B 5 6.80 -19.09 -8.29
CA GLN B 5 6.68 -17.92 -9.15
C GLN B 5 5.24 -17.76 -9.63
N GLN B 6 4.62 -16.65 -9.25
CA GLN B 6 3.26 -16.40 -9.65
C GLN B 6 3.21 -15.63 -10.95
N SER B 7 2.02 -15.57 -11.53
CA SER B 7 1.78 -14.87 -12.79
C SER B 7 2.07 -13.38 -12.72
N GLY B 8 2.11 -12.76 -13.90
CA GLY B 8 2.36 -11.34 -13.98
C GLY B 8 1.08 -10.58 -13.68
N ALA B 9 1.23 -9.27 -13.44
CA ALA B 9 0.10 -8.41 -13.14
C ALA B 9 -0.99 -8.54 -14.21
N GLU B 10 -2.24 -8.50 -13.78
CA GLU B 10 -3.36 -8.62 -14.70
C GLU B 10 -4.25 -7.38 -14.72
N LEU B 11 -4.92 -7.20 -15.85
CA LEU B 11 -5.78 -6.06 -16.12
C LEU B 11 -7.06 -6.62 -16.74
N VAL B 12 -8.21 -6.46 -16.08
CA VAL B 12 -9.43 -7.01 -16.64
C VAL B 12 -10.72 -6.22 -16.41
N ARG B 13 -11.64 -6.34 -17.36
CA ARG B 13 -12.93 -5.67 -17.30
C ARG B 13 -13.81 -6.36 -16.27
N ALA B 14 -14.65 -5.58 -15.59
CA ALA B 14 -15.55 -6.15 -14.61
C ALA B 14 -16.57 -7.01 -15.34
N GLY B 15 -16.99 -8.10 -14.72
CA GLY B 15 -17.96 -8.98 -15.36
C GLY B 15 -17.20 -10.07 -16.08
N SER B 16 -15.90 -9.85 -16.24
CA SER B 16 -15.07 -10.85 -16.89
C SER B 16 -14.43 -11.76 -15.83
N SER B 17 -13.52 -12.62 -16.26
CA SER B 17 -12.84 -13.53 -15.35
C SER B 17 -11.34 -13.54 -15.63
N VAL B 18 -10.57 -14.21 -14.77
CA VAL B 18 -9.13 -14.30 -14.94
C VAL B 18 -8.58 -15.57 -14.29
N LYS B 19 -7.47 -16.06 -14.82
CA LYS B 19 -6.86 -17.26 -14.30
C LYS B 19 -5.37 -17.02 -14.06
N MET B 20 -4.99 -16.91 -12.78
CA MET B 20 -3.59 -16.68 -12.46
C MET B 20 -2.85 -17.95 -12.11
N SER B 21 -1.52 -17.88 -12.18
CA SER B 21 -0.63 -19.01 -11.94
C SER B 21 0.29 -18.97 -10.73
N CYS B 22 0.82 -20.14 -10.43
CA CYS B 22 1.71 -20.34 -9.33
C CYS B 22 2.50 -21.61 -9.65
N LYS B 23 3.69 -21.43 -10.21
CA LYS B 23 4.55 -22.55 -10.55
C LYS B 23 5.48 -22.84 -9.38
N ALA B 24 5.50 -24.10 -8.97
CA ALA B 24 6.32 -24.51 -7.86
C ALA B 24 7.55 -25.26 -8.35
N SER B 25 8.64 -25.13 -7.60
CA SER B 25 9.89 -25.82 -7.93
C SER B 25 10.63 -26.14 -6.63
N GLY B 26 11.76 -26.83 -6.74
CA GLY B 26 12.56 -27.17 -5.58
C GLY B 26 11.96 -28.15 -4.57
N TYR B 27 10.84 -28.77 -4.90
CA TYR B 27 10.22 -29.72 -3.96
C TYR B 27 9.14 -30.55 -4.64
N THR B 28 8.59 -31.55 -3.94
CA THR B 28 7.55 -32.39 -4.52
C THR B 28 6.19 -31.71 -4.46
N PHE B 29 5.77 -31.23 -5.62
CA PHE B 29 4.53 -30.51 -5.81
C PHE B 29 3.30 -31.19 -5.22
N THR B 30 3.18 -32.49 -5.43
CA THR B 30 2.02 -33.24 -4.95
C THR B 30 2.04 -33.52 -3.45
N SER B 31 3.21 -33.39 -2.84
CA SER B 31 3.36 -33.64 -1.41
C SER B 31 2.94 -32.46 -0.54
N TYR B 32 2.47 -31.38 -1.16
CA TYR B 32 2.09 -30.21 -0.40
C TYR B 32 0.94 -29.45 -0.96
N GLY B 33 0.21 -28.78 -0.09
CA GLY B 33 -0.90 -28.05 -0.58
C GLY B 33 -0.61 -26.62 -0.86
N ILE B 34 -1.50 -26.04 -1.65
CA ILE B 34 -1.35 -24.66 -2.05
C ILE B 34 -2.55 -23.87 -1.59
N ASN B 35 -2.29 -22.81 -0.83
CA ASN B 35 -3.35 -21.91 -0.36
C ASN B 35 -3.26 -20.58 -1.11
N TRP B 36 -4.40 -19.89 -1.20
CA TRP B 36 -4.44 -18.60 -1.85
C TRP B 36 -4.95 -17.56 -0.85
N VAL B 37 -4.21 -16.46 -0.78
CA VAL B 37 -4.48 -15.36 0.13
C VAL B 37 -4.69 -14.10 -0.69
N LYS B 38 -5.61 -13.26 -0.24
CA LYS B 38 -5.90 -12.03 -0.94
C LYS B 38 -5.51 -10.83 -0.09
N GLN B 39 -4.98 -9.79 -0.73
CA GLN B 39 -4.60 -8.59 0.01
C GLN B 39 -4.96 -7.31 -0.72
N ARG B 40 -5.84 -6.55 -0.08
CA ARG B 40 -6.29 -5.29 -0.61
C ARG B 40 -5.65 -4.21 0.26
N PRO B 41 -5.19 -3.10 -0.36
CA PRO B 41 -4.56 -2.01 0.37
C PRO B 41 -5.15 -1.94 1.77
N GLY B 42 -6.46 -2.11 1.82
CA GLY B 42 -7.19 -2.09 3.07
C GLY B 42 -6.81 -3.22 4.01
N GLN B 43 -5.59 -3.14 4.51
CA GLN B 43 -4.96 -4.07 5.46
C GLN B 43 -5.66 -5.41 5.79
N GLY B 44 -4.84 -6.44 5.93
CA GLY B 44 -5.34 -7.75 6.26
C GLY B 44 -5.11 -8.67 5.09
N LEU B 45 -5.14 -9.96 5.36
CA LEU B 45 -4.95 -10.94 4.32
C LEU B 45 -6.13 -11.86 4.48
N GLU B 46 -6.82 -12.14 3.38
CA GLU B 46 -7.95 -13.04 3.46
C GLU B 46 -7.56 -14.41 2.92
N TRP B 47 -8.00 -15.45 3.60
CA TRP B 47 -7.71 -16.80 3.14
C TRP B 47 -8.82 -17.10 2.14
N ILE B 48 -8.46 -17.39 0.90
CA ILE B 48 -9.43 -17.68 -0.14
C ILE B 48 -9.83 -19.15 -0.16
N GLY B 49 -8.82 -20.01 -0.20
CA GLY B 49 -9.06 -21.44 -0.22
C GLY B 49 -7.79 -22.24 -0.28
N TYR B 50 -7.96 -23.55 -0.39
CA TYR B 50 -6.81 -24.45 -0.39
C TYR B 50 -7.01 -25.59 -1.40
N ILE B 51 -5.92 -26.09 -1.97
CA ILE B 51 -6.00 -27.22 -2.90
C ILE B 51 -4.89 -28.25 -2.70
N ASN B 52 -5.24 -29.52 -2.79
CA ASN B 52 -4.28 -30.62 -2.65
C ASN B 52 -3.96 -31.15 -4.04
N PRO B 53 -2.73 -30.89 -4.53
CA PRO B 53 -2.30 -31.34 -5.85
C PRO B 53 -2.43 -32.85 -6.08
N GLY B 54 -2.12 -33.65 -5.07
CA GLY B 54 -2.23 -35.08 -5.21
C GLY B 54 -3.61 -35.53 -5.69
N ASN B 55 -4.64 -35.20 -4.92
CA ASN B 55 -6.00 -35.60 -5.27
C ASN B 55 -6.80 -34.53 -6.01
N GLY B 56 -6.43 -33.27 -5.82
CA GLY B 56 -7.18 -32.22 -6.48
C GLY B 56 -8.28 -31.77 -5.56
N TYR B 57 -8.16 -32.17 -4.29
CA TYR B 57 -9.14 -31.79 -3.29
C TYR B 57 -9.06 -30.30 -3.04
N THR B 58 -10.23 -29.66 -3.02
CA THR B 58 -10.31 -28.23 -2.81
C THR B 58 -11.24 -27.91 -1.66
N LYS B 59 -10.84 -26.94 -0.85
CA LYS B 59 -11.62 -26.50 0.28
C LYS B 59 -11.64 -24.97 0.18
N TYR B 60 -12.84 -24.41 0.12
CA TYR B 60 -13.01 -22.97 -0.03
C TYR B 60 -13.50 -22.21 1.17
N ASN B 61 -13.26 -20.90 1.13
CA ASN B 61 -13.72 -20.00 2.16
C ASN B 61 -15.06 -19.52 1.60
N GLU B 62 -16.13 -19.86 2.31
CA GLU B 62 -17.50 -19.52 1.89
C GLU B 62 -17.68 -18.20 1.12
N LYS B 63 -16.99 -17.14 1.54
CA LYS B 63 -17.13 -15.85 0.88
C LYS B 63 -16.47 -15.77 -0.49
N PHE B 64 -15.56 -16.71 -0.78
CA PHE B 64 -14.86 -16.72 -2.06
C PHE B 64 -15.30 -17.86 -2.96
N LYS B 65 -16.17 -18.71 -2.43
CA LYS B 65 -16.66 -19.84 -3.22
C LYS B 65 -17.73 -19.31 -4.16
N GLY B 66 -18.03 -20.05 -5.21
CA GLY B 66 -19.04 -19.55 -6.12
C GLY B 66 -18.37 -18.74 -7.20
N LYS B 67 -17.48 -17.84 -6.81
CA LYS B 67 -16.77 -17.04 -7.80
C LYS B 67 -15.37 -17.57 -8.09
N THR B 68 -14.76 -18.23 -7.10
CA THR B 68 -13.41 -18.75 -7.26
C THR B 68 -13.29 -20.25 -7.56
N THR B 69 -12.30 -20.62 -8.36
CA THR B 69 -12.06 -22.01 -8.69
C THR B 69 -10.57 -22.30 -8.68
N LEU B 70 -10.16 -23.26 -7.86
CA LEU B 70 -8.77 -23.64 -7.77
C LEU B 70 -8.57 -24.95 -8.53
N THR B 71 -7.51 -25.01 -9.30
CA THR B 71 -7.17 -26.20 -10.08
C THR B 71 -5.65 -26.37 -10.06
N VAL B 72 -5.15 -27.40 -10.73
CA VAL B 72 -3.71 -27.60 -10.74
C VAL B 72 -3.26 -28.40 -11.97
N ASP B 73 -1.97 -28.38 -12.25
CA ASP B 73 -1.43 -29.13 -13.38
C ASP B 73 -0.29 -29.96 -12.83
N LYS B 74 -0.64 -31.16 -12.36
CA LYS B 74 0.35 -32.07 -11.77
C LYS B 74 1.41 -32.51 -12.76
N SER B 75 1.66 -31.71 -13.79
CA SER B 75 2.66 -32.08 -14.80
C SER B 75 3.68 -30.96 -15.03
N SER B 76 3.33 -29.77 -14.54
CA SER B 76 4.19 -28.60 -14.66
C SER B 76 4.26 -27.95 -13.30
N SER B 77 3.81 -28.68 -12.28
CA SER B 77 3.82 -28.21 -10.90
C SER B 77 3.29 -26.77 -10.83
N THR B 78 2.11 -26.58 -11.39
CA THR B 78 1.49 -25.26 -11.44
C THR B 78 0.08 -25.29 -10.90
N ALA B 79 -0.23 -24.35 -9.99
CA ALA B 79 -1.57 -24.26 -9.43
C ALA B 79 -2.23 -23.04 -10.04
N TYR B 80 -3.52 -23.15 -10.35
CA TYR B 80 -4.23 -22.03 -10.97
C TYR B 80 -5.39 -21.57 -10.13
N MET B 81 -5.67 -20.27 -10.17
CA MET B 81 -6.80 -19.72 -9.44
C MET B 81 -7.57 -18.84 -10.40
N GLN B 82 -8.81 -19.25 -10.66
CA GLN B 82 -9.67 -18.52 -11.56
C GLN B 82 -10.67 -17.74 -10.74
N LEU B 83 -10.88 -16.48 -11.13
CA LEU B 83 -11.83 -15.58 -10.50
C LEU B 83 -12.86 -15.20 -11.56
N ARG B 84 -14.14 -15.41 -11.23
CA ARG B 84 -15.22 -15.11 -12.17
C ARG B 84 -16.10 -13.94 -11.74
N SER B 85 -16.86 -13.42 -12.70
CA SER B 85 -17.78 -12.31 -12.46
C SER B 85 -17.09 -11.25 -11.62
N LEU B 86 -15.93 -10.80 -12.08
CA LEU B 86 -15.17 -9.81 -11.32
C LEU B 86 -15.87 -8.48 -11.10
N THR B 87 -15.43 -7.77 -10.05
CA THR B 87 -15.93 -6.44 -9.71
C THR B 87 -14.79 -5.71 -9.03
N SER B 88 -14.99 -4.43 -8.75
CA SER B 88 -13.97 -3.61 -8.12
C SER B 88 -13.38 -4.21 -6.87
N GLU B 89 -14.16 -5.03 -6.18
CA GLU B 89 -13.68 -5.63 -4.95
C GLU B 89 -12.66 -6.73 -5.16
N ASP B 90 -12.56 -7.24 -6.37
CA ASP B 90 -11.60 -8.30 -6.64
C ASP B 90 -10.23 -7.73 -7.01
N SER B 91 -10.08 -6.42 -6.86
CA SER B 91 -8.82 -5.75 -7.15
C SER B 91 -7.95 -5.87 -5.91
N ALA B 92 -6.79 -6.51 -6.05
CA ALA B 92 -5.88 -6.69 -4.93
C ALA B 92 -4.67 -7.45 -5.44
N VAL B 93 -3.86 -7.92 -4.50
CA VAL B 93 -2.71 -8.72 -4.87
C VAL B 93 -3.02 -10.08 -4.24
N TYR B 94 -2.96 -11.13 -5.04
CA TYR B 94 -3.25 -12.48 -4.57
C TYR B 94 -1.95 -13.28 -4.43
N PHE B 95 -1.81 -14.02 -3.34
CA PHE B 95 -0.61 -14.83 -3.15
C PHE B 95 -0.94 -16.31 -3.08
N CYS B 96 0.03 -17.16 -3.37
CA CYS B 96 -0.12 -18.59 -3.23
C CYS B 96 0.96 -18.97 -2.23
N ALA B 97 0.68 -19.94 -1.37
CA ALA B 97 1.63 -20.36 -0.36
C ALA B 97 1.58 -21.85 -0.13
N ARG B 98 2.71 -22.44 0.23
CA ARG B 98 2.74 -23.88 0.50
C ARG B 98 2.38 -24.15 1.95
N SER B 99 1.66 -25.24 2.18
CA SER B 99 1.27 -25.62 3.53
C SER B 99 2.07 -26.83 3.97
N VAL B 100 2.45 -26.83 5.25
CA VAL B 100 3.18 -27.91 5.85
C VAL B 100 2.39 -28.32 7.05
N TYR B 101 2.60 -29.57 7.41
CA TYR B 101 1.96 -30.18 8.56
C TYR B 101 3.03 -30.12 9.63
N TYR B 102 2.54 -29.78 10.80
CA TYR B 102 3.33 -29.77 12.00
C TYR B 102 2.33 -29.96 13.12
N GLY B 103 2.66 -30.89 14.00
CA GLY B 103 1.84 -31.22 15.14
C GLY B 103 0.39 -30.79 15.06
N GLY B 104 -0.44 -31.59 14.40
CA GLY B 104 -1.84 -31.23 14.31
C GLY B 104 -2.25 -30.42 13.08
N SER B 105 -1.98 -29.12 13.08
CA SER B 105 -2.40 -28.29 11.95
C SER B 105 -1.30 -27.62 11.13
N TYR B 106 -1.71 -27.23 9.93
CA TYR B 106 -0.88 -26.59 8.91
C TYR B 106 -0.55 -25.11 9.06
N TYR B 107 0.43 -24.67 8.27
CA TYR B 107 0.86 -23.28 8.24
C TYR B 107 1.53 -23.06 6.88
N PHE B 108 1.83 -21.81 6.52
CA PHE B 108 2.44 -21.55 5.22
C PHE B 108 3.91 -21.18 5.35
N ASP B 109 4.77 -22.03 4.82
CA ASP B 109 6.22 -21.83 4.91
C ASP B 109 6.85 -21.04 3.76
N TYR B 110 6.19 -21.01 2.62
CA TYR B 110 6.72 -20.27 1.48
C TYR B 110 5.60 -19.63 0.68
N TRP B 111 5.82 -18.38 0.29
CA TRP B 111 4.85 -17.59 -0.45
C TRP B 111 5.42 -17.11 -1.79
N GLY B 112 4.54 -16.71 -2.69
CA GLY B 112 4.95 -16.19 -3.98
C GLY B 112 5.08 -14.68 -3.89
N GLN B 113 5.63 -14.03 -4.91
CA GLN B 113 5.78 -12.58 -4.88
C GLN B 113 4.42 -11.91 -4.84
N GLY B 114 3.42 -12.58 -5.41
CA GLY B 114 2.10 -12.02 -5.42
C GLY B 114 1.73 -11.60 -6.83
N THR B 115 0.43 -11.67 -7.14
CA THR B 115 -0.08 -11.30 -8.44
C THR B 115 -1.05 -10.16 -8.27
N THR B 116 -0.79 -9.06 -8.97
CA THR B 116 -1.63 -7.89 -8.88
C THR B 116 -2.76 -7.93 -9.90
N LEU B 117 -3.98 -7.76 -9.42
CA LEU B 117 -5.16 -7.75 -10.27
C LEU B 117 -5.89 -6.42 -10.19
N THR B 118 -5.98 -5.74 -11.34
CA THR B 118 -6.68 -4.47 -11.37
C THR B 118 -7.90 -4.63 -12.29
N VAL B 119 -9.09 -4.58 -11.68
CA VAL B 119 -10.35 -4.70 -12.39
C VAL B 119 -10.79 -3.32 -12.86
N SER B 120 -10.72 -3.10 -14.18
CA SER B 120 -11.07 -1.82 -14.77
C SER B 120 -11.28 -1.91 -16.29
N SER B 121 -12.01 -0.92 -16.83
CA SER B 121 -12.26 -0.87 -18.27
C SER B 121 -11.29 0.08 -18.96
N ALA B 122 -10.38 0.66 -18.19
CA ALA B 122 -9.40 1.59 -18.72
C ALA B 122 -8.43 0.92 -19.68
N LYS B 123 -7.89 1.71 -20.61
CA LYS B 123 -6.93 1.20 -21.56
C LYS B 123 -5.69 2.05 -21.33
N THR B 124 -4.55 1.62 -21.88
CA THR B 124 -3.32 2.39 -21.67
C THR B 124 -3.61 3.80 -22.08
N THR B 125 -3.29 4.75 -21.21
CA THR B 125 -3.48 6.14 -21.52
C THR B 125 -2.47 6.95 -20.72
N PRO B 126 -1.73 7.83 -21.42
CA PRO B 126 -0.70 8.71 -20.86
C PRO B 126 -1.28 9.68 -19.86
N PRO B 127 -0.45 10.15 -18.92
CA PRO B 127 -0.98 11.09 -17.95
C PRO B 127 -0.87 12.51 -18.50
N SER B 128 -1.62 13.43 -17.91
CA SER B 128 -1.54 14.83 -18.29
C SER B 128 -0.70 15.40 -17.17
N VAL B 129 0.42 16.03 -17.50
CA VAL B 129 1.29 16.58 -16.46
C VAL B 129 1.06 18.07 -16.23
N TYR B 130 0.50 18.40 -15.07
CA TYR B 130 0.22 19.79 -14.76
C TYR B 130 1.24 20.36 -13.81
N PRO B 131 1.86 21.48 -14.19
CA PRO B 131 2.89 22.18 -13.40
C PRO B 131 2.25 22.92 -12.22
N LEU B 132 2.83 22.78 -11.04
CA LEU B 132 2.29 23.44 -9.85
C LEU B 132 3.15 24.60 -9.34
N ALA B 133 2.78 25.82 -9.71
CA ALA B 133 3.49 27.02 -9.30
C ALA B 133 2.70 27.76 -8.22
N PRO B 134 3.38 28.47 -7.30
CA PRO B 134 2.69 29.21 -6.24
C PRO B 134 1.69 30.20 -6.84
N GLY B 135 0.59 30.44 -6.14
CA GLY B 135 -0.42 31.36 -6.64
C GLY B 135 -0.06 32.82 -6.71
N SER B 136 -0.25 33.43 -7.89
CA SER B 136 0.04 34.84 -8.10
C SER B 136 -0.71 35.65 -7.06
N ALA B 137 -0.10 35.84 -5.90
CA ALA B 137 -0.70 36.60 -4.82
C ALA B 137 0.06 36.32 -3.53
N ASN B 141 9.37 32.32 2.23
CA ASN B 141 10.17 33.18 1.37
C ASN B 141 11.44 32.45 0.93
N SER B 142 12.39 32.26 1.86
CA SER B 142 13.70 31.61 1.61
C SER B 142 13.77 30.25 0.92
N MET B 143 12.77 29.41 1.12
CA MET B 143 12.73 28.09 0.49
C MET B 143 11.34 28.00 -0.12
N VAL B 144 11.26 27.55 -1.37
CA VAL B 144 9.97 27.44 -2.05
C VAL B 144 9.67 26.04 -2.57
N THR B 145 8.44 25.58 -2.35
CA THR B 145 8.06 24.26 -2.81
C THR B 145 7.30 24.40 -4.10
N LEU B 146 7.56 23.47 -5.01
CA LEU B 146 6.92 23.47 -6.30
C LEU B 146 6.42 22.05 -6.46
N GLY B 147 5.43 21.88 -7.31
CA GLY B 147 4.87 20.56 -7.50
C GLY B 147 4.63 20.24 -8.96
N CYS B 148 4.00 19.09 -9.17
CA CYS B 148 3.73 18.58 -10.49
C CYS B 148 2.63 17.54 -10.27
N LEU B 149 1.49 17.72 -10.93
CA LEU B 149 0.36 16.80 -10.81
C LEU B 149 0.26 15.95 -12.06
N VAL B 150 0.38 14.64 -11.88
CA VAL B 150 0.34 13.67 -12.96
C VAL B 150 -1.02 12.99 -12.88
N LYS B 151 -1.95 13.46 -13.71
CA LYS B 151 -3.32 12.98 -13.69
C LYS B 151 -3.86 12.27 -14.92
N GLY B 152 -4.70 11.28 -14.67
CA GLY B 152 -5.36 10.54 -15.73
C GLY B 152 -4.59 9.50 -16.51
N TYR B 153 -3.70 8.76 -15.86
CA TYR B 153 -2.96 7.74 -16.59
C TYR B 153 -3.38 6.33 -16.21
N PHE B 154 -3.01 5.37 -17.04
CA PHE B 154 -3.31 3.97 -16.80
C PHE B 154 -2.44 3.19 -17.74
N PRO B 155 -1.78 2.12 -17.25
CA PRO B 155 -1.81 1.64 -15.87
C PRO B 155 -0.49 2.03 -15.17
N GLU B 156 -0.30 1.64 -13.91
CA GLU B 156 0.94 1.93 -13.20
C GLU B 156 2.09 1.17 -13.86
N PRO B 157 3.35 1.60 -13.67
CA PRO B 157 3.81 2.74 -12.89
C PRO B 157 4.11 3.97 -13.74
N VAL B 158 4.58 5.01 -13.06
CA VAL B 158 4.97 6.26 -13.68
C VAL B 158 6.28 6.65 -12.99
N THR B 159 7.22 7.18 -13.76
CA THR B 159 8.49 7.56 -13.17
C THR B 159 8.68 9.07 -13.22
N VAL B 160 8.81 9.67 -12.05
CA VAL B 160 9.00 11.12 -11.93
C VAL B 160 10.35 11.45 -11.32
N THR B 161 10.96 12.52 -11.82
CA THR B 161 12.22 13.00 -11.33
C THR B 161 12.18 14.50 -11.58
N TRP B 162 13.08 15.24 -10.98
CA TRP B 162 13.09 16.68 -11.17
C TRP B 162 14.42 17.07 -11.80
N ASN B 163 14.36 17.80 -12.91
CA ASN B 163 15.58 18.21 -13.60
C ASN B 163 16.42 16.98 -13.94
N SER B 164 15.73 15.94 -14.37
CA SER B 164 16.36 14.68 -14.75
C SER B 164 17.28 14.07 -13.69
N GLY B 165 16.97 14.30 -12.42
CA GLY B 165 17.79 13.72 -11.37
C GLY B 165 18.70 14.67 -10.65
N SER B 166 19.04 15.80 -11.27
CA SER B 166 19.92 16.77 -10.64
C SER B 166 19.31 17.42 -9.42
N LEU B 167 18.04 17.14 -9.19
CA LEU B 167 17.32 17.63 -8.02
C LEU B 167 16.80 16.37 -7.33
N SER B 168 17.57 15.89 -6.34
CA SER B 168 17.21 14.67 -5.61
C SER B 168 16.60 14.94 -4.25
N SER B 169 17.29 15.74 -3.43
CA SER B 169 16.81 16.04 -2.10
C SER B 169 15.52 16.83 -2.14
N GLY B 170 14.86 16.92 -0.98
CA GLY B 170 13.61 17.66 -0.90
C GLY B 170 12.56 17.27 -1.93
N VAL B 171 12.54 16.00 -2.31
CA VAL B 171 11.58 15.52 -3.29
C VAL B 171 10.69 14.43 -2.68
N HIS B 172 9.39 14.54 -2.91
CA HIS B 172 8.41 13.57 -2.41
C HIS B 172 7.48 13.18 -3.52
N THR B 173 7.62 11.97 -4.05
CA THR B 173 6.69 11.54 -5.06
C THR B 173 5.75 10.62 -4.31
N PHE B 174 4.47 10.97 -4.32
CA PHE B 174 3.44 10.23 -3.61
C PHE B 174 2.85 9.03 -4.38
N PRO B 175 2.28 8.05 -3.65
CA PRO B 175 1.69 6.85 -4.26
C PRO B 175 0.52 7.30 -5.14
N ALA B 176 0.24 6.57 -6.20
CA ALA B 176 -0.87 6.94 -7.07
C ALA B 176 -2.19 6.61 -6.40
N VAL B 177 -3.28 7.11 -6.96
CA VAL B 177 -4.60 6.83 -6.41
C VAL B 177 -5.56 6.60 -7.58
N LEU B 178 -6.45 5.64 -7.44
CA LEU B 178 -7.39 5.32 -8.50
C LEU B 178 -8.56 6.29 -8.64
N GLN B 179 -8.36 7.35 -9.40
CA GLN B 179 -9.41 8.33 -9.64
C GLN B 179 -10.54 7.66 -10.44
N SER B 180 -11.06 8.38 -11.45
CA SER B 180 -12.15 7.84 -12.27
C SER B 180 -11.67 6.72 -13.18
N ASP B 181 -11.52 5.54 -12.61
CA ASP B 181 -11.03 4.39 -13.38
C ASP B 181 -9.59 4.66 -13.84
N LEU B 182 -9.05 5.81 -13.45
CA LEU B 182 -7.70 6.21 -13.83
C LEU B 182 -6.84 6.57 -12.63
N TYR B 183 -5.53 6.54 -12.81
CA TYR B 183 -4.60 6.86 -11.73
C TYR B 183 -4.25 8.33 -11.73
N THR B 184 -3.84 8.82 -10.57
CA THR B 184 -3.45 10.21 -10.40
C THR B 184 -2.45 10.22 -9.27
N LEU B 185 -1.36 10.97 -9.46
CA LEU B 185 -0.33 11.10 -8.43
C LEU B 185 0.24 12.50 -8.47
N SER B 186 1.15 12.79 -7.54
CA SER B 186 1.76 14.11 -7.45
C SER B 186 3.20 14.00 -6.97
N SER B 187 3.93 15.10 -7.06
CA SER B 187 5.31 15.12 -6.62
C SER B 187 5.68 16.53 -6.22
N SER B 188 6.53 16.65 -5.22
CA SER B 188 6.95 17.98 -4.77
C SER B 188 8.45 18.05 -4.68
N VAL B 189 8.99 19.26 -4.87
CA VAL B 189 10.43 19.50 -4.77
C VAL B 189 10.62 20.89 -4.13
N THR B 190 11.54 20.96 -3.18
CA THR B 190 11.79 22.20 -2.47
C THR B 190 13.18 22.73 -2.74
N VAL B 191 13.24 23.90 -3.37
CA VAL B 191 14.50 24.54 -3.74
C VAL B 191 14.60 25.94 -3.14
N PRO B 192 15.84 26.44 -2.93
CA PRO B 192 16.03 27.78 -2.37
C PRO B 192 15.34 28.79 -3.28
N SER B 193 15.07 30.00 -2.80
CA SER B 193 14.41 31.00 -3.63
C SER B 193 15.40 31.60 -4.62
N SER B 194 16.66 31.23 -4.50
CA SER B 194 17.68 31.71 -5.42
C SER B 194 17.67 30.91 -6.73
N PRO B 195 17.26 29.62 -6.68
CA PRO B 195 17.19 28.72 -7.86
C PRO B 195 15.97 28.86 -8.76
N ARG B 196 14.86 29.35 -8.20
CA ARG B 196 13.63 29.51 -8.99
C ARG B 196 12.95 30.81 -8.60
N PRO B 197 12.41 31.54 -9.59
CA PRO B 197 12.38 31.24 -11.02
C PRO B 197 13.66 31.69 -11.73
N SER B 198 14.67 32.00 -10.92
CA SER B 198 15.98 32.40 -11.42
C SER B 198 16.50 31.34 -12.42
N GLU B 199 16.23 30.08 -12.13
CA GLU B 199 16.66 28.99 -13.01
C GLU B 199 15.47 28.14 -13.35
N THR B 200 15.72 27.12 -14.18
CA THR B 200 14.66 26.23 -14.62
C THR B 200 14.44 25.00 -13.72
N VAL B 201 13.17 24.74 -13.42
CA VAL B 201 12.77 23.61 -12.62
C VAL B 201 11.76 22.85 -13.44
N THR B 202 12.08 21.60 -13.75
CA THR B 202 11.24 20.77 -14.59
C THR B 202 10.97 19.41 -13.98
N CYS B 203 9.73 18.94 -14.09
CA CYS B 203 9.43 17.61 -13.60
C CYS B 203 9.39 16.74 -14.84
N ASN B 204 9.98 15.56 -14.73
CA ASN B 204 10.04 14.64 -15.83
C ASN B 204 9.26 13.41 -15.46
N VAL B 205 8.13 13.18 -16.12
CA VAL B 205 7.35 12.01 -15.80
C VAL B 205 7.36 11.07 -17.00
N ALA B 206 7.74 9.83 -16.72
CA ALA B 206 7.80 8.81 -17.75
C ALA B 206 6.71 7.80 -17.44
N HIS B 207 6.09 7.29 -18.48
CA HIS B 207 5.01 6.32 -18.36
C HIS B 207 5.30 5.32 -19.44
N PRO B 208 6.05 4.27 -19.10
CA PRO B 208 6.46 3.18 -19.98
C PRO B 208 5.38 2.57 -20.84
N ALA B 209 4.26 2.18 -20.23
CA ALA B 209 3.17 1.56 -20.97
C ALA B 209 2.72 2.33 -22.20
N SER B 210 2.68 3.66 -22.10
CA SER B 210 2.24 4.49 -23.23
C SER B 210 3.43 5.00 -24.02
N SER B 211 4.63 4.58 -23.59
CA SER B 211 5.86 5.00 -24.24
C SER B 211 5.93 6.51 -24.25
N THR B 212 5.72 7.10 -23.09
CA THR B 212 5.72 8.56 -22.93
C THR B 212 6.84 9.05 -22.01
N LYS B 213 7.40 10.20 -22.37
CA LYS B 213 8.45 10.81 -21.58
C LYS B 213 8.14 12.30 -21.62
N VAL B 214 7.51 12.81 -20.57
CA VAL B 214 7.13 14.22 -20.51
C VAL B 214 8.02 15.11 -19.63
N ASP B 215 8.39 16.27 -20.16
CA ASP B 215 9.20 17.22 -19.42
C ASP B 215 8.38 18.48 -19.25
N LYS B 216 7.89 18.73 -18.04
CA LYS B 216 7.09 19.92 -17.80
C LYS B 216 7.87 20.98 -17.02
N LYS B 217 7.87 22.20 -17.52
CA LYS B 217 8.58 23.30 -16.88
C LYS B 217 7.64 24.01 -15.91
N ILE B 218 8.15 24.37 -14.73
CA ILE B 218 7.34 25.06 -13.73
C ILE B 218 7.64 26.55 -13.80
N VAL B 219 6.72 27.32 -14.35
CA VAL B 219 6.91 28.76 -14.49
C VAL B 219 5.96 29.58 -13.62
N PRO B 220 6.41 30.77 -13.19
CA PRO B 220 5.68 31.72 -12.34
C PRO B 220 4.24 31.99 -12.80
N ARG B 221 3.41 32.50 -11.88
CA ARG B 221 2.02 32.82 -12.17
C ARG B 221 1.15 31.56 -12.16
N ASP B 222 -0.15 31.74 -12.36
CA ASP B 222 -1.09 30.61 -12.40
C ASP B 222 -0.88 29.86 -13.74
N SER C 4 0.34 -37.60 20.18
CA SER C 4 -0.35 -38.40 19.15
C SER C 4 -0.15 -37.86 17.70
N ILE C 5 0.43 -36.66 17.53
CA ILE C 5 0.61 -36.09 16.19
C ILE C 5 1.75 -36.58 15.28
N PRO C 6 2.09 -35.79 14.23
CA PRO C 6 3.08 -35.97 13.18
C PRO C 6 4.18 -34.92 13.23
N THR C 7 3.90 -33.76 12.63
CA THR C 7 4.84 -32.68 12.64
C THR C 7 5.81 -32.67 11.46
N HIS C 8 5.37 -31.96 10.43
CA HIS C 8 6.10 -31.74 9.20
C HIS C 8 6.08 -32.57 7.97
N THR C 9 6.82 -32.10 6.97
CA THR C 9 6.90 -32.67 5.63
C THR C 9 5.54 -33.22 5.41
N SER C 10 4.73 -32.23 5.12
CA SER C 10 3.32 -32.38 4.87
C SER C 10 2.79 -31.18 4.11
N PRO C 11 1.43 -30.96 4.18
CA PRO C 11 0.81 -29.87 3.53
C PRO C 11 -0.73 -29.90 3.71
N LEU C 12 -1.22 -28.71 3.40
CA LEU C 12 -2.63 -28.36 3.32
C LEU C 12 -2.49 -27.85 1.88
#